data_4OM8
#
_entry.id   4OM8
#
_cell.length_a   122.805
_cell.length_b   44.212
_cell.length_c   109.343
_cell.angle_alpha   90.00
_cell.angle_beta   116.35
_cell.angle_gamma   90.00
#
_symmetry.space_group_name_H-M   'C 1 2 1'
#
loop_
_entity.id
_entity.type
_entity.pdbx_description
1 polymer '5-formyl-3-hydroxy-2-methylpyridine 4-carboxylate 5-dehydrogenase'
2 non-polymer NICOTINAMIDE-ADENINE-DINUCLEOTIDE
3 non-polymer 'ACETATE ION'
4 non-polymer GLYCEROL
5 water water
#
_entity_poly.entity_id   1
_entity_poly.type   'polypeptide(L)'
_entity_poly.pdbx_seq_one_letter_code
;MIRNIAIIGLGTMGPGMAARLARGGLQVVAYDVAPAAIERARSMLSVAETVLDALGIALPSAGVGTVRFTDDIGDAVSGA
DLVIENVPENISIKADVYRTIDGLIGQDTIVASDTSGIPITKLQAHISYPERMVGMHWSNPPHIIPMIEVIAGEKTAPQT
VATIRDLIRSIGLLPVVVKKDVPGFVENRVLYALLREAVDLVERGVIDPEDLDTCVSWGIGYKIAVIGPMALLDMAGLDI
YKSVSSFLNADLSNRDDVAPMVLEKTSASKFGIKSGEGMF(CME)YTPEQTKALQAERARKLVAVRRILEGRE
;
_entity_poly.pdbx_strand_id   A,B
#
# COMPACT_ATOMS: atom_id res chain seq x y z
N MET A 1 -9.06 6.22 6.87
CA MET A 1 -8.52 7.04 5.78
C MET A 1 -7.89 6.16 4.70
N ILE A 2 -8.24 6.39 3.44
CA ILE A 2 -7.67 5.60 2.35
C ILE A 2 -6.66 6.39 1.51
N ARG A 3 -5.39 6.02 1.66
CA ARG A 3 -4.31 6.58 0.85
C ARG A 3 -3.60 5.49 0.06
N ASN A 4 -3.55 4.29 0.62
CA ASN A 4 -2.77 3.21 0.06
C ASN A 4 -3.69 2.08 -0.38
N ILE A 5 -3.62 1.73 -1.66
CA ILE A 5 -4.51 0.72 -2.22
C ILE A 5 -3.68 -0.44 -2.75
N ALA A 6 -4.14 -1.65 -2.47
CA ALA A 6 -3.61 -2.85 -3.11
C ALA A 6 -4.68 -3.42 -4.02
N ILE A 7 -4.28 -3.82 -5.21
CA ILE A 7 -5.15 -4.56 -6.13
C ILE A 7 -4.63 -5.99 -6.29
N ILE A 8 -5.53 -6.97 -6.07
CA ILE A 8 -5.20 -8.38 -6.23
C ILE A 8 -5.89 -8.93 -7.47
N GLY A 9 -5.11 -9.13 -8.53
CA GLY A 9 -5.64 -9.64 -9.79
C GLY A 9 -5.51 -8.58 -10.84
N LEU A 10 -4.73 -8.90 -11.89
CA LEU A 10 -4.40 -7.94 -12.94
C LEU A 10 -4.77 -8.40 -14.34
N GLY A 11 -5.94 -8.97 -14.49
CA GLY A 11 -6.42 -9.38 -15.81
C GLY A 11 -7.06 -8.20 -16.50
N THR A 12 -8.17 -8.46 -17.19
CA THR A 12 -8.91 -7.44 -17.92
C THR A 12 -9.16 -6.16 -17.13
N MET A 13 -9.57 -6.31 -15.87
CA MET A 13 -10.02 -5.15 -15.09
C MET A 13 -8.90 -4.46 -14.29
N GLY A 14 -7.73 -5.07 -14.24
CA GLY A 14 -6.70 -4.61 -13.32
C GLY A 14 -5.90 -3.36 -13.68
N PRO A 15 -5.24 -3.36 -14.84
CA PRO A 15 -4.35 -2.26 -15.22
C PRO A 15 -5.04 -0.91 -15.30
N GLY A 16 -6.22 -0.84 -15.91
CA GLY A 16 -6.93 0.42 -16.00
C GLY A 16 -7.41 0.92 -14.65
N MET A 17 -7.81 -0.03 -13.79
CA MET A 17 -8.22 0.29 -12.44
C MET A 17 -7.04 0.93 -11.67
N ALA A 18 -5.89 0.30 -11.78
CA ALA A 18 -4.68 0.79 -11.10
C ALA A 18 -4.32 2.19 -11.60
N ALA A 19 -4.29 2.35 -12.91
CA ALA A 19 -3.96 3.65 -13.49
C ALA A 19 -4.94 4.73 -13.04
N ARG A 20 -6.23 4.40 -13.01
CA ARG A 20 -7.24 5.42 -12.71
C ARG A 20 -7.16 5.82 -11.26
N LEU A 21 -6.94 4.85 -10.37
CA LEU A 21 -6.80 5.16 -8.96
C LEU A 21 -5.55 6.00 -8.70
N ALA A 22 -4.44 5.64 -9.33
CA ALA A 22 -3.22 6.42 -9.14
C ALA A 22 -3.38 7.85 -9.66
N ARG A 23 -4.13 8.00 -10.75
CA ARG A 23 -4.35 9.33 -11.31
C ARG A 23 -5.12 10.21 -10.33
N GLY A 24 -5.87 9.58 -9.43
CA GLY A 24 -6.58 10.30 -8.39
C GLY A 24 -5.71 10.67 -7.19
N GLY A 25 -4.44 10.29 -7.24
CA GLY A 25 -3.52 10.66 -6.17
C GLY A 25 -3.16 9.53 -5.23
N LEU A 26 -3.78 8.37 -5.42
CA LEU A 26 -3.60 7.24 -4.52
C LEU A 26 -2.32 6.47 -4.81
N GLN A 27 -1.73 5.86 -3.79
CA GLN A 27 -0.63 4.94 -4.00
C GLN A 27 -1.19 3.57 -4.29
N VAL A 28 -0.82 2.98 -5.43
CA VAL A 28 -1.38 1.69 -5.83
C VAL A 28 -0.27 0.66 -5.98
N VAL A 29 -0.40 -0.47 -5.29
CA VAL A 29 0.49 -1.60 -5.53
C VAL A 29 -0.37 -2.79 -5.95
N ALA A 30 -0.01 -3.44 -7.06
CA ALA A 30 -0.86 -4.47 -7.61
C ALA A 30 -0.10 -5.78 -7.75
N TYR A 31 -0.84 -6.87 -7.57
CA TYR A 31 -0.29 -8.21 -7.52
C TYR A 31 -1.09 -9.17 -8.38
N ASP A 32 -0.42 -10.13 -8.97
CA ASP A 32 -1.11 -11.22 -9.66
C ASP A 32 -0.29 -12.48 -9.44
N VAL A 33 -0.96 -13.62 -9.33
CA VAL A 33 -0.32 -14.91 -9.11
C VAL A 33 0.44 -15.40 -10.37
N ALA A 34 0.09 -14.86 -11.53
CA ALA A 34 0.65 -15.34 -12.79
C ALA A 34 1.61 -14.34 -13.40
N PRO A 35 2.89 -14.71 -13.53
CA PRO A 35 3.87 -13.79 -14.13
C PRO A 35 3.45 -13.29 -15.51
N ALA A 36 2.87 -14.15 -16.34
CA ALA A 36 2.41 -13.74 -17.66
C ALA A 36 1.38 -12.61 -17.56
N ALA A 37 0.56 -12.64 -16.52
CA ALA A 37 -0.45 -11.60 -16.31
C ALA A 37 0.18 -10.26 -15.92
N ILE A 38 1.21 -10.30 -15.09
CA ILE A 38 1.88 -9.08 -14.67
C ILE A 38 2.53 -8.42 -15.87
N GLU A 39 3.16 -9.21 -16.74
CA GLU A 39 3.81 -8.69 -17.95
CA GLU A 39 3.81 -8.61 -17.90
C GLU A 39 2.81 -8.06 -18.91
N ARG A 40 1.68 -8.74 -19.10
CA ARG A 40 0.63 -8.22 -19.98
CA ARG A 40 0.62 -8.24 -19.96
C ARG A 40 0.08 -6.91 -19.41
N ALA A 41 0.00 -6.85 -18.09
CA ALA A 41 -0.54 -5.66 -17.42
C ALA A 41 0.31 -4.42 -17.64
N ARG A 42 1.61 -4.59 -17.88
CA ARG A 42 2.47 -3.44 -18.12
C ARG A 42 2.10 -2.71 -19.41
N SER A 43 1.94 -3.46 -20.50
CA SER A 43 1.51 -2.83 -21.74
C SER A 43 0.10 -2.27 -21.62
N MET A 44 -0.76 -2.96 -20.88
CA MET A 44 -2.11 -2.47 -20.67
C MET A 44 -2.09 -1.17 -19.86
N LEU A 45 -1.16 -1.07 -18.92
CA LEU A 45 -1.03 0.11 -18.07
C LEU A 45 -0.60 1.38 -18.84
N SER A 46 0.37 1.24 -19.74
CA SER A 46 0.87 2.41 -20.48
C SER A 46 -0.18 2.97 -21.44
N VAL A 47 -0.94 2.08 -22.06
CA VAL A 47 -2.03 2.50 -22.93
C VAL A 47 -3.09 3.21 -22.09
N ALA A 48 -3.37 2.68 -20.91
CA ALA A 48 -4.37 3.27 -20.03
C ALA A 48 -3.99 4.70 -19.59
N GLU A 49 -2.71 4.93 -19.31
CA GLU A 49 -2.27 6.27 -18.93
C GLU A 49 -2.52 7.30 -20.02
N THR A 50 -2.28 6.91 -21.26
CA THR A 50 -2.55 7.76 -22.42
C THR A 50 -4.04 8.05 -22.56
N VAL A 51 -4.87 7.04 -22.30
CA VAL A 51 -6.33 7.20 -22.37
C VAL A 51 -6.77 8.19 -21.30
N LEU A 52 -6.18 8.11 -20.10
CA LEU A 52 -6.54 9.04 -19.06
C LEU A 52 -6.18 10.48 -19.47
N ASP A 53 -5.05 10.63 -20.16
CA ASP A 53 -4.67 11.94 -20.70
C ASP A 53 -5.73 12.44 -21.68
N ALA A 54 -6.15 11.54 -22.58
CA ALA A 54 -7.12 11.87 -23.61
C ALA A 54 -8.48 12.21 -22.99
N LEU A 55 -8.76 11.65 -21.82
CA LEU A 55 -9.98 11.98 -21.10
C LEU A 55 -9.88 13.29 -20.32
N GLY A 56 -8.68 13.86 -20.29
CA GLY A 56 -8.45 15.12 -19.61
C GLY A 56 -8.50 14.99 -18.09
N ILE A 57 -8.12 13.81 -17.59
CA ILE A 57 -8.14 13.54 -16.16
C ILE A 57 -6.81 13.87 -15.50
N ALA A 58 -6.83 14.80 -14.57
CA ALA A 58 -5.57 15.29 -13.97
C ALA A 58 -5.25 14.63 -12.63
N LEU A 59 -3.96 14.58 -12.31
CA LEU A 59 -3.49 14.26 -10.96
C LEU A 59 -3.82 15.47 -10.09
N PRO A 60 -4.27 15.24 -8.85
CA PRO A 60 -4.51 16.38 -7.96
C PRO A 60 -3.16 16.89 -7.48
N SER A 61 -3.16 17.98 -6.72
CA SER A 61 -1.89 18.59 -6.39
C SER A 61 -1.26 17.92 -5.16
N ALA A 62 -1.84 16.81 -4.71
CA ALA A 62 -1.31 16.11 -3.54
C ALA A 62 -1.58 14.61 -3.60
N GLY A 63 -0.78 13.84 -2.87
CA GLY A 63 -0.91 12.39 -2.88
C GLY A 63 0.26 11.76 -3.61
N VAL A 64 0.44 10.46 -3.41
CA VAL A 64 1.54 9.71 -4.01
C VAL A 64 1.32 9.53 -5.52
N GLY A 65 0.17 8.98 -5.90
CA GLY A 65 -0.22 8.88 -7.30
C GLY A 65 0.65 8.00 -8.17
N THR A 66 1.02 6.82 -7.68
CA THR A 66 1.85 5.91 -8.44
C THR A 66 1.26 4.51 -8.53
N VAL A 67 1.72 3.76 -9.51
CA VAL A 67 1.39 2.34 -9.67
C VAL A 67 2.67 1.52 -9.67
N ARG A 68 2.67 0.43 -8.90
CA ARG A 68 3.76 -0.55 -8.93
C ARG A 68 3.19 -1.95 -8.93
N PHE A 69 3.76 -2.83 -9.75
CA PHE A 69 3.40 -4.24 -9.79
C PHE A 69 4.41 -5.07 -9.00
N THR A 70 3.92 -6.08 -8.30
CA THR A 70 4.79 -6.97 -7.54
C THR A 70 4.30 -8.42 -7.60
N ASP A 71 5.22 -9.36 -7.41
CA ASP A 71 4.87 -10.78 -7.39
C ASP A 71 4.84 -11.34 -5.96
N ASP A 72 4.83 -10.43 -4.98
CA ASP A 72 4.79 -10.82 -3.58
C ASP A 72 3.56 -10.20 -2.93
N ILE A 73 2.60 -11.03 -2.53
CA ILE A 73 1.33 -10.45 -2.06
C ILE A 73 1.51 -9.71 -0.71
N GLY A 74 2.47 -10.13 0.11
CA GLY A 74 2.75 -9.44 1.36
C GLY A 74 3.23 -8.03 1.09
N ASP A 75 4.10 -7.90 0.09
CA ASP A 75 4.57 -6.61 -0.37
C ASP A 75 3.36 -5.77 -0.82
N ALA A 76 2.51 -6.34 -1.67
CA ALA A 76 1.38 -5.60 -2.19
C ALA A 76 0.43 -5.05 -1.13
N VAL A 77 0.05 -5.88 -0.16
CA VAL A 77 -0.98 -5.42 0.77
C VAL A 77 -0.41 -4.73 2.01
N SER A 78 0.91 -4.64 2.12
CA SER A 78 1.54 -4.01 3.27
C SER A 78 1.05 -2.56 3.46
N GLY A 79 0.48 -2.28 4.62
CA GLY A 79 0.02 -0.93 4.92
C GLY A 79 -1.20 -0.49 4.11
N ALA A 80 -1.85 -1.43 3.45
CA ALA A 80 -3.00 -1.05 2.62
C ALA A 80 -4.16 -0.54 3.49
N ASP A 81 -4.79 0.52 3.00
CA ASP A 81 -6.03 1.04 3.59
C ASP A 81 -7.25 0.43 2.91
N LEU A 82 -7.04 -0.01 1.67
CA LEU A 82 -8.08 -0.63 0.85
C LEU A 82 -7.40 -1.70 0.02
N VAL A 83 -7.94 -2.91 0.08
CA VAL A 83 -7.54 -3.97 -0.84
C VAL A 83 -8.71 -4.24 -1.75
N ILE A 84 -8.49 -4.13 -3.05
CA ILE A 84 -9.50 -4.45 -4.03
C ILE A 84 -9.18 -5.84 -4.58
N GLU A 85 -10.02 -6.80 -4.22
CA GLU A 85 -9.88 -8.16 -4.74
C GLU A 85 -10.52 -8.22 -6.12
N ASN A 86 -9.74 -8.70 -7.08
CA ASN A 86 -10.10 -8.63 -8.49
C ASN A 86 -9.66 -9.92 -9.21
N VAL A 87 -9.94 -11.07 -8.58
CA VAL A 87 -9.49 -12.36 -9.09
C VAL A 87 -10.68 -13.04 -9.79
N PRO A 88 -10.51 -14.26 -10.35
CA PRO A 88 -11.62 -14.84 -11.10
C PRO A 88 -12.92 -14.98 -10.32
N GLU A 89 -14.00 -15.06 -11.08
CA GLU A 89 -15.34 -15.18 -10.54
C GLU A 89 -15.60 -16.61 -10.03
N ASN A 90 -15.03 -16.89 -8.86
CA ASN A 90 -15.01 -18.24 -8.29
C ASN A 90 -14.85 -18.04 -6.79
N ILE A 91 -15.85 -18.44 -6.01
CA ILE A 91 -15.84 -18.07 -4.60
C ILE A 91 -14.72 -18.78 -3.84
N SER A 92 -14.30 -19.96 -4.28
CA SER A 92 -13.20 -20.65 -3.61
C SER A 92 -11.89 -19.87 -3.80
N ILE A 93 -11.66 -19.36 -5.01
CA ILE A 93 -10.46 -18.56 -5.26
C ILE A 93 -10.51 -17.24 -4.49
N LYS A 94 -11.66 -16.58 -4.47
CA LYS A 94 -11.78 -15.33 -3.72
C LYS A 94 -11.57 -15.57 -2.22
N ALA A 95 -12.14 -16.65 -1.71
CA ALA A 95 -11.95 -17.00 -0.30
C ALA A 95 -10.49 -17.27 0.02
N ASP A 96 -9.77 -17.92 -0.91
CA ASP A 96 -8.33 -18.13 -0.75
CA ASP A 96 -8.35 -18.13 -0.75
C ASP A 96 -7.60 -16.80 -0.58
N VAL A 97 -7.96 -15.83 -1.41
CA VAL A 97 -7.33 -14.52 -1.34
C VAL A 97 -7.63 -13.87 0.02
N TYR A 98 -8.88 -13.93 0.47
CA TYR A 98 -9.22 -13.29 1.75
C TYR A 98 -8.47 -13.94 2.90
N ARG A 99 -8.34 -15.26 2.87
CA ARG A 99 -7.60 -15.99 3.90
CA ARG A 99 -7.60 -15.96 3.93
CA ARG A 99 -7.59 -15.98 3.91
C ARG A 99 -6.14 -15.55 3.92
N THR A 100 -5.57 -15.41 2.72
CA THR A 100 -4.17 -15.01 2.58
C THR A 100 -3.92 -13.60 3.11
N ILE A 101 -4.79 -12.66 2.77
CA ILE A 101 -4.52 -11.27 3.13
C ILE A 101 -4.99 -10.92 4.55
N ASP A 102 -5.87 -11.74 5.14
CA ASP A 102 -6.50 -11.38 6.41
C ASP A 102 -5.45 -11.10 7.49
N GLY A 103 -4.44 -11.97 7.57
CA GLY A 103 -3.41 -11.80 8.58
C GLY A 103 -2.40 -10.74 8.27
N LEU A 104 -2.46 -10.16 7.07
CA LEU A 104 -1.46 -9.21 6.60
C LEU A 104 -1.93 -7.76 6.56
N ILE A 105 -3.21 -7.56 6.86
CA ILE A 105 -3.77 -6.22 6.81
C ILE A 105 -4.47 -5.87 8.13
N GLY A 106 -4.62 -4.58 8.35
CA GLY A 106 -5.32 -4.08 9.53
C GLY A 106 -6.78 -4.50 9.57
N GLN A 107 -7.31 -4.68 10.78
CA GLN A 107 -8.72 -5.06 10.90
C GLN A 107 -9.65 -3.95 10.40
N ASP A 108 -9.13 -2.74 10.26
CA ASP A 108 -9.95 -1.65 9.73
C ASP A 108 -9.65 -1.36 8.25
N THR A 109 -8.74 -2.12 7.65
CA THR A 109 -8.55 -2.04 6.20
C THR A 109 -9.86 -2.44 5.50
N ILE A 110 -10.30 -1.66 4.51
CA ILE A 110 -11.48 -2.07 3.75
C ILE A 110 -11.05 -3.07 2.70
N VAL A 111 -11.82 -4.14 2.56
CA VAL A 111 -11.60 -5.11 1.50
C VAL A 111 -12.80 -5.09 0.56
N ALA A 112 -12.55 -4.67 -0.68
CA ALA A 112 -13.62 -4.57 -1.67
C ALA A 112 -13.46 -5.65 -2.71
N SER A 113 -14.58 -6.22 -3.17
CA SER A 113 -14.54 -7.14 -4.29
C SER A 113 -15.10 -6.50 -5.54
N ASP A 114 -14.44 -6.77 -6.67
CA ASP A 114 -14.91 -6.35 -7.99
C ASP A 114 -15.92 -7.35 -8.58
N THR A 115 -16.33 -8.34 -7.79
CA THR A 115 -17.24 -9.39 -8.30
C THR A 115 -18.47 -8.83 -8.99
N SER A 116 -18.89 -9.49 -10.07
CA SER A 116 -20.15 -9.16 -10.71
C SER A 116 -21.32 -9.97 -10.17
N GLY A 117 -21.09 -11.24 -9.83
CA GLY A 117 -22.20 -12.13 -9.59
C GLY A 117 -22.22 -12.92 -8.30
N ILE A 118 -21.20 -12.76 -7.47
CA ILE A 118 -21.18 -13.43 -6.18
C ILE A 118 -21.67 -12.47 -5.10
N PRO A 119 -22.67 -12.88 -4.30
CA PRO A 119 -23.19 -11.96 -3.30
C PRO A 119 -22.12 -11.51 -2.31
N ILE A 120 -22.13 -10.22 -1.99
CA ILE A 120 -21.17 -9.70 -1.03
C ILE A 120 -21.40 -10.39 0.31
N THR A 121 -22.66 -10.75 0.56
CA THR A 121 -23.01 -11.45 1.80
C THR A 121 -22.29 -12.80 1.92
N LYS A 122 -22.11 -13.48 0.79
CA LYS A 122 -21.36 -14.73 0.80
C LYS A 122 -19.86 -14.49 0.94
N LEU A 123 -19.36 -13.49 0.21
CA LEU A 123 -17.92 -13.21 0.23
C LEU A 123 -17.43 -12.85 1.62
N GLN A 124 -18.21 -12.06 2.35
CA GLN A 124 -17.71 -11.51 3.62
C GLN A 124 -17.74 -12.57 4.73
N ALA A 125 -18.37 -13.71 4.47
CA ALA A 125 -18.32 -14.82 5.42
C ALA A 125 -16.91 -15.43 5.49
N HIS A 126 -16.02 -14.97 4.62
CA HIS A 126 -14.70 -15.58 4.49
C HIS A 126 -13.56 -14.67 4.91
N ILE A 127 -13.86 -13.63 5.68
CA ILE A 127 -12.82 -12.76 6.19
C ILE A 127 -13.18 -12.25 7.59
N SER A 128 -12.18 -12.00 8.43
CA SER A 128 -12.43 -11.38 9.72
C SER A 128 -13.01 -9.99 9.53
N TYR A 129 -13.75 -9.52 10.52
CA TYR A 129 -14.38 -8.20 10.47
C TYR A 129 -15.09 -7.98 9.13
N PRO A 130 -16.14 -8.77 8.88
CA PRO A 130 -16.85 -8.70 7.59
C PRO A 130 -17.49 -7.34 7.36
N GLU A 131 -17.58 -6.53 8.41
CA GLU A 131 -18.19 -5.22 8.29
C GLU A 131 -17.37 -4.28 7.41
N ARG A 132 -16.08 -4.55 7.23
CA ARG A 132 -15.28 -3.70 6.34
CA ARG A 132 -15.24 -3.72 6.36
C ARG A 132 -15.06 -4.34 4.97
N MET A 133 -15.87 -5.34 4.65
CA MET A 133 -15.89 -5.89 3.29
CA MET A 133 -15.90 -5.92 3.32
C MET A 133 -17.13 -5.42 2.55
N VAL A 134 -16.94 -5.07 1.29
CA VAL A 134 -17.97 -4.41 0.50
C VAL A 134 -17.76 -4.72 -0.98
N GLY A 135 -18.82 -4.60 -1.77
CA GLY A 135 -18.66 -4.67 -3.20
C GLY A 135 -18.28 -3.32 -3.78
N MET A 136 -17.27 -3.31 -4.65
CA MET A 136 -16.90 -2.14 -5.41
C MET A 136 -16.80 -2.59 -6.85
N HIS A 137 -17.90 -2.45 -7.58
CA HIS A 137 -18.04 -3.11 -8.87
C HIS A 137 -17.81 -2.13 -10.00
N TRP A 138 -16.64 -2.24 -10.62
CA TRP A 138 -16.25 -1.42 -11.75
C TRP A 138 -16.83 -1.98 -13.04
N SER A 139 -16.69 -1.22 -14.12
CA SER A 139 -17.13 -1.68 -15.43
C SER A 139 -15.99 -1.64 -16.45
N ASN A 140 -16.05 -2.50 -17.46
CA ASN A 140 -14.99 -2.58 -18.45
C ASN A 140 -15.22 -1.59 -19.59
N PRO A 141 -14.22 -0.76 -19.92
CA PRO A 141 -12.87 -0.63 -19.33
C PRO A 141 -12.88 0.24 -18.09
N PRO A 142 -12.18 -0.19 -17.04
CA PRO A 142 -12.31 0.48 -15.73
C PRO A 142 -11.75 1.89 -15.67
N HIS A 143 -10.85 2.25 -16.58
CA HIS A 143 -10.32 3.60 -16.60
C HIS A 143 -11.16 4.52 -17.48
N ILE A 144 -12.18 3.95 -18.13
CA ILE A 144 -13.02 4.72 -19.06
C ILE A 144 -14.47 4.85 -18.58
N ILE A 145 -15.09 3.76 -18.14
CA ILE A 145 -16.45 3.87 -17.59
C ILE A 145 -16.36 4.55 -16.23
N PRO A 146 -17.03 5.71 -16.06
CA PRO A 146 -16.80 6.50 -14.84
C PRO A 146 -17.66 6.11 -13.63
N MET A 147 -18.54 5.15 -13.83
CA MET A 147 -19.51 4.76 -12.81
C MET A 147 -19.08 3.48 -12.12
N ILE A 148 -19.14 3.48 -10.79
CA ILE A 148 -18.82 2.33 -9.96
C ILE A 148 -19.95 2.07 -8.98
N GLU A 149 -20.37 0.81 -8.90
CA GLU A 149 -21.39 0.41 -7.91
C GLU A 149 -20.75 0.08 -6.56
N VAL A 150 -21.36 0.56 -5.48
CA VAL A 150 -20.90 0.26 -4.13
C VAL A 150 -22.01 -0.56 -3.44
N ILE A 151 -21.69 -1.78 -3.03
CA ILE A 151 -22.71 -2.70 -2.54
C ILE A 151 -22.42 -3.31 -1.18
N ALA A 152 -23.24 -2.97 -0.19
CA ALA A 152 -23.13 -3.62 1.10
C ALA A 152 -23.65 -5.05 1.06
N GLY A 153 -22.92 -5.96 1.71
CA GLY A 153 -23.48 -7.25 2.06
C GLY A 153 -24.27 -7.11 3.37
N GLU A 154 -24.90 -8.19 3.81
CA GLU A 154 -25.72 -8.14 5.00
CA GLU A 154 -25.71 -8.19 5.03
C GLU A 154 -24.97 -7.63 6.23
N LYS A 155 -23.67 -7.91 6.30
CA LYS A 155 -22.87 -7.54 7.46
C LYS A 155 -22.03 -6.29 7.24
N THR A 156 -22.09 -5.71 6.04
CA THR A 156 -21.27 -4.53 5.76
C THR A 156 -21.71 -3.31 6.56
N ALA A 157 -20.76 -2.63 7.21
CA ALA A 157 -21.09 -1.42 7.94
C ALA A 157 -21.47 -0.31 6.99
N PRO A 158 -22.52 0.45 7.33
CA PRO A 158 -22.87 1.63 6.52
C PRO A 158 -21.67 2.56 6.34
N GLN A 159 -20.82 2.68 7.35
CA GLN A 159 -19.61 3.51 7.25
C GLN A 159 -18.66 3.04 6.13
N THR A 160 -18.62 1.73 5.90
CA THR A 160 -17.78 1.17 4.86
C THR A 160 -18.27 1.62 3.49
N VAL A 161 -19.57 1.53 3.30
CA VAL A 161 -20.20 1.99 2.07
C VAL A 161 -19.95 3.48 1.87
N ALA A 162 -20.15 4.27 2.92
CA ALA A 162 -19.95 5.71 2.77
C ALA A 162 -18.49 6.04 2.44
N THR A 163 -17.54 5.35 3.06
CA THR A 163 -16.13 5.62 2.83
C THR A 163 -15.72 5.34 1.38
N ILE A 164 -16.19 4.22 0.83
CA ILE A 164 -15.87 3.91 -0.56
C ILE A 164 -16.62 4.83 -1.53
N ARG A 165 -17.89 5.14 -1.25
CA ARG A 165 -18.61 6.16 -2.03
C ARG A 165 -17.81 7.44 -2.09
N ASP A 166 -17.32 7.86 -0.93
CA ASP A 166 -16.57 9.11 -0.80
C ASP A 166 -15.24 9.07 -1.56
N LEU A 167 -14.53 7.93 -1.47
CA LEU A 167 -13.28 7.77 -2.20
C LEU A 167 -13.50 7.95 -3.70
N ILE A 168 -14.53 7.30 -4.21
CA ILE A 168 -14.86 7.36 -5.62
C ILE A 168 -15.17 8.78 -6.06
N ARG A 169 -16.02 9.48 -5.29
CA ARG A 169 -16.32 10.88 -5.58
CA ARG A 169 -16.32 10.88 -5.57
C ARG A 169 -15.08 11.76 -5.51
N SER A 170 -14.23 11.51 -4.52
CA SER A 170 -13.05 12.36 -4.31
C SER A 170 -12.09 12.40 -5.48
N ILE A 171 -12.08 11.36 -6.31
CA ILE A 171 -11.18 11.36 -7.45
C ILE A 171 -11.93 11.64 -8.76
N GLY A 172 -13.19 12.08 -8.65
CA GLY A 172 -13.93 12.57 -9.78
C GLY A 172 -14.78 11.52 -10.49
N LEU A 173 -14.96 10.36 -9.86
CA LEU A 173 -15.76 9.30 -10.45
C LEU A 173 -17.17 9.33 -9.88
N LEU A 174 -18.03 8.44 -10.38
CA LEU A 174 -19.46 8.51 -10.07
C LEU A 174 -19.90 7.24 -9.36
N PRO A 175 -19.99 7.30 -8.03
CA PRO A 175 -20.43 6.11 -7.31
C PRO A 175 -21.94 6.01 -7.27
N VAL A 176 -22.46 4.79 -7.31
CA VAL A 176 -23.88 4.58 -7.04
C VAL A 176 -24.01 3.52 -5.96
N VAL A 177 -24.80 3.83 -4.94
CA VAL A 177 -24.99 2.93 -3.83
C VAL A 177 -26.14 1.97 -4.12
N VAL A 178 -25.84 0.68 -4.06
CA VAL A 178 -26.81 -0.38 -4.28
C VAL A 178 -27.20 -0.86 -2.89
N LYS A 179 -28.48 -0.67 -2.55
CA LYS A 179 -28.94 -0.73 -1.16
C LYS A 179 -29.40 -2.11 -0.73
N LYS A 180 -29.42 -3.06 -1.67
CA LYS A 180 -29.67 -4.45 -1.34
C LYS A 180 -28.70 -5.32 -2.14
N ASP A 181 -28.22 -6.38 -1.51
CA ASP A 181 -27.29 -7.31 -2.13
C ASP A 181 -28.02 -8.30 -3.04
N VAL A 182 -28.63 -7.79 -4.10
CA VAL A 182 -29.39 -8.60 -5.04
C VAL A 182 -28.51 -9.14 -6.16
N PRO A 183 -28.89 -10.29 -6.74
CA PRO A 183 -28.07 -10.87 -7.82
C PRO A 183 -27.87 -9.90 -8.97
N GLY A 184 -26.62 -9.63 -9.34
CA GLY A 184 -26.35 -8.72 -10.44
C GLY A 184 -26.41 -7.24 -10.05
N PHE A 185 -26.57 -6.95 -8.76
CA PHE A 185 -26.63 -5.58 -8.25
C PHE A 185 -27.63 -4.76 -9.09
N VAL A 186 -27.25 -3.63 -9.67
CA VAL A 186 -28.19 -2.90 -10.52
C VAL A 186 -27.80 -2.95 -11.99
N GLU A 187 -26.56 -2.60 -12.29
CA GLU A 187 -26.11 -2.47 -13.68
C GLU A 187 -26.38 -3.74 -14.49
N ASN A 188 -25.86 -4.86 -14.00
CA ASN A 188 -26.00 -6.07 -14.81
C ASN A 188 -27.42 -6.62 -14.77
N ARG A 189 -28.22 -6.26 -13.78
CA ARG A 189 -29.64 -6.65 -13.82
C ARG A 189 -30.35 -5.95 -14.97
N VAL A 190 -30.14 -4.64 -15.07
CA VAL A 190 -30.79 -3.91 -16.13
C VAL A 190 -30.23 -4.35 -17.49
N LEU A 191 -28.91 -4.58 -17.55
CA LEU A 191 -28.32 -5.06 -18.80
C LEU A 191 -28.86 -6.43 -19.21
N TYR A 192 -28.93 -7.35 -18.25
CA TYR A 192 -29.40 -8.67 -18.59
C TYR A 192 -30.90 -8.67 -18.90
N ALA A 193 -31.66 -7.70 -18.39
CA ALA A 193 -33.05 -7.60 -18.80
C ALA A 193 -33.15 -7.17 -20.27
N LEU A 194 -32.34 -6.18 -20.65
CA LEU A 194 -32.24 -5.75 -22.04
C LEU A 194 -31.84 -6.92 -22.92
N LEU A 195 -30.79 -7.62 -22.53
CA LEU A 195 -30.26 -8.72 -23.32
C LEU A 195 -31.25 -9.87 -23.43
N ARG A 196 -31.97 -10.17 -22.35
CA ARG A 196 -32.92 -11.27 -22.40
C ARG A 196 -33.95 -11.05 -23.51
N GLU A 197 -34.45 -9.82 -23.62
CA GLU A 197 -35.44 -9.53 -24.67
C GLU A 197 -34.79 -9.48 -26.05
N ALA A 198 -33.62 -8.86 -26.14
CA ALA A 198 -32.94 -8.77 -27.44
C ALA A 198 -32.61 -10.16 -27.98
N VAL A 199 -32.09 -11.02 -27.12
CA VAL A 199 -31.75 -12.38 -27.54
C VAL A 199 -33.03 -13.11 -27.98
N ASP A 200 -34.12 -12.94 -27.23
CA ASP A 200 -35.37 -13.61 -27.57
C ASP A 200 -35.86 -13.19 -28.96
N LEU A 201 -35.75 -11.91 -29.27
CA LEU A 201 -36.25 -11.42 -30.54
C LEU A 201 -35.42 -11.95 -31.72
N VAL A 202 -34.09 -12.04 -31.53
CA VAL A 202 -33.22 -12.57 -32.57
C VAL A 202 -33.52 -14.06 -32.73
N GLU A 203 -33.59 -14.75 -31.61
CA GLU A 203 -33.81 -16.19 -31.58
C GLU A 203 -35.09 -16.63 -32.28
N ARG A 204 -36.17 -15.86 -32.13
CA ARG A 204 -37.42 -16.28 -32.73
C ARG A 204 -37.69 -15.60 -34.08
N GLY A 205 -36.65 -15.01 -34.65
CA GLY A 205 -36.70 -14.56 -36.02
C GLY A 205 -37.43 -13.25 -36.27
N VAL A 206 -37.53 -12.42 -35.24
CA VAL A 206 -38.17 -11.12 -35.41
C VAL A 206 -37.22 -10.15 -36.12
N ILE A 207 -35.91 -10.36 -35.96
CA ILE A 207 -34.94 -9.39 -36.49
C ILE A 207 -33.55 -10.02 -36.58
N ASP A 208 -32.82 -9.71 -37.63
CA ASP A 208 -31.44 -10.20 -37.79
C ASP A 208 -30.55 -9.56 -36.73
N PRO A 209 -29.49 -10.25 -36.28
CA PRO A 209 -28.73 -9.75 -35.13
C PRO A 209 -28.05 -8.41 -35.41
N GLU A 210 -27.56 -8.19 -36.64
CA GLU A 210 -26.91 -6.91 -36.92
C GLU A 210 -27.94 -5.77 -36.93
N ASP A 211 -29.17 -6.09 -37.33
CA ASP A 211 -30.24 -5.10 -37.31
C ASP A 211 -30.75 -4.83 -35.89
N LEU A 212 -30.77 -5.87 -35.07
CA LEU A 212 -31.03 -5.70 -33.64
C LEU A 212 -30.05 -4.66 -33.08
N ASP A 213 -28.77 -4.83 -33.40
CA ASP A 213 -27.77 -3.91 -32.87
C ASP A 213 -27.96 -2.48 -33.38
N THR A 214 -28.26 -2.30 -34.67
CA THR A 214 -28.54 -0.97 -35.19
C THR A 214 -29.71 -0.35 -34.45
N CYS A 215 -30.75 -1.15 -34.27
CA CYS A 215 -31.96 -0.73 -33.61
C CYS A 215 -31.71 -0.29 -32.18
N VAL A 216 -31.04 -1.13 -31.41
CA VAL A 216 -30.86 -0.85 -29.99
C VAL A 216 -29.75 0.18 -29.73
N SER A 217 -28.64 0.12 -30.48
CA SER A 217 -27.61 1.14 -30.32
C SER A 217 -28.16 2.54 -30.54
N TRP A 218 -28.88 2.73 -31.62
CA TRP A 218 -29.35 4.06 -31.97
C TRP A 218 -30.66 4.45 -31.29
N GLY A 219 -31.56 3.50 -31.15
CA GLY A 219 -32.87 3.81 -30.59
C GLY A 219 -32.88 3.87 -29.08
N ILE A 220 -31.95 3.15 -28.44
CA ILE A 220 -31.95 3.00 -26.99
C ILE A 220 -30.64 3.45 -26.36
N GLY A 221 -29.52 2.82 -26.69
CA GLY A 221 -28.26 3.16 -26.02
C GLY A 221 -27.87 4.63 -26.20
N TYR A 222 -27.94 5.09 -27.44
CA TYR A 222 -27.65 6.47 -27.79
C TYR A 222 -28.47 7.45 -26.95
N LYS A 223 -29.78 7.20 -26.85
CA LYS A 223 -30.67 8.04 -26.08
CA LYS A 223 -30.64 8.08 -26.09
C LYS A 223 -30.39 7.96 -24.58
N ILE A 224 -30.24 6.74 -24.07
CA ILE A 224 -30.08 6.51 -22.63
C ILE A 224 -28.73 7.02 -22.12
N ALA A 225 -27.72 7.04 -22.99
CA ALA A 225 -26.43 7.65 -22.63
C ALA A 225 -26.59 9.12 -22.21
N VAL A 226 -27.50 9.82 -22.89
CA VAL A 226 -27.77 11.23 -22.62
C VAL A 226 -28.85 11.42 -21.57
N ILE A 227 -29.84 10.53 -21.59
CA ILE A 227 -31.02 10.64 -20.74
C ILE A 227 -31.28 9.31 -20.03
N GLY A 228 -31.04 9.23 -18.73
CA GLY A 228 -31.25 7.99 -18.00
C GLY A 228 -32.70 7.54 -17.99
N PRO A 229 -32.94 6.25 -17.70
CA PRO A 229 -34.30 5.70 -17.78
C PRO A 229 -35.38 6.45 -16.97
N MET A 230 -35.08 6.89 -15.76
CA MET A 230 -36.11 7.57 -14.96
C MET A 230 -36.40 8.93 -15.59
N ALA A 231 -35.34 9.63 -15.98
CA ALA A 231 -35.47 10.89 -16.73
C ALA A 231 -36.21 10.70 -18.04
N LEU A 232 -35.99 9.57 -18.70
CA LEU A 232 -36.64 9.29 -19.97
C LEU A 232 -38.14 9.05 -19.78
N LEU A 233 -38.50 8.32 -18.72
CA LEU A 233 -39.91 8.18 -18.36
C LEU A 233 -40.56 9.55 -18.18
N ASP A 234 -39.87 10.47 -17.51
CA ASP A 234 -40.40 11.81 -17.32
C ASP A 234 -40.58 12.55 -18.65
N MET A 235 -39.69 12.30 -19.62
CA MET A 235 -39.82 12.94 -20.93
C MET A 235 -40.99 12.35 -21.73
N ALA A 236 -41.11 11.03 -21.70
CA ALA A 236 -42.15 10.34 -22.45
C ALA A 236 -43.51 10.61 -21.85
N GLY A 237 -43.52 10.78 -20.53
CA GLY A 237 -44.76 10.92 -19.77
C GLY A 237 -45.07 9.64 -19.04
N LEU A 238 -45.26 9.72 -17.72
CA LEU A 238 -45.55 8.51 -16.96
C LEU A 238 -46.96 8.00 -17.30
N ASP A 239 -47.83 8.88 -17.78
CA ASP A 239 -49.13 8.47 -18.26
C ASP A 239 -48.99 7.54 -19.47
N ILE A 240 -48.05 7.89 -20.36
CA ILE A 240 -47.78 7.06 -21.53
C ILE A 240 -47.16 5.73 -21.11
N TYR A 241 -46.18 5.80 -20.23
CA TYR A 241 -45.55 4.57 -19.73
C TYR A 241 -46.57 3.66 -19.06
N LYS A 242 -47.48 4.23 -18.27
CA LYS A 242 -48.57 3.44 -17.69
C LYS A 242 -49.41 2.75 -18.79
N SER A 243 -49.90 3.53 -19.74
CA SER A 243 -50.76 2.99 -20.80
C SER A 243 -50.08 1.88 -21.57
N VAL A 244 -48.83 2.09 -21.96
CA VAL A 244 -48.14 1.11 -22.78
C VAL A 244 -47.70 -0.10 -21.97
N SER A 245 -47.13 0.13 -20.79
CA SER A 245 -46.62 -0.98 -20.00
C SER A 245 -47.76 -1.88 -19.54
N SER A 246 -48.97 -1.33 -19.45
CA SER A 246 -50.13 -2.11 -19.02
CA SER A 246 -50.14 -2.09 -19.03
C SER A 246 -50.40 -3.31 -19.92
N PHE A 247 -50.04 -3.23 -21.20
CA PHE A 247 -50.18 -4.40 -22.06
C PHE A 247 -48.83 -4.93 -22.52
N LEU A 248 -47.82 -4.07 -22.62
CA LEU A 248 -46.55 -4.55 -23.18
C LEU A 248 -45.75 -5.38 -22.17
N ASN A 249 -45.79 -5.03 -20.88
CA ASN A 249 -45.10 -5.85 -19.88
C ASN A 249 -45.56 -7.30 -19.92
N ALA A 250 -46.86 -7.48 -20.16
CA ALA A 250 -47.44 -8.81 -20.24
C ALA A 250 -46.88 -9.62 -21.41
N ASP A 251 -46.39 -8.95 -22.45
CA ASP A 251 -45.95 -9.67 -23.64
CA ASP A 251 -45.94 -9.62 -23.67
C ASP A 251 -44.44 -9.89 -23.70
N LEU A 252 -43.69 -9.25 -22.82
CA LEU A 252 -42.23 -9.39 -22.83
C LEU A 252 -41.77 -10.82 -22.50
N SER A 253 -40.60 -11.21 -22.99
CA SER A 253 -40.02 -12.48 -22.57
C SER A 253 -39.77 -12.50 -21.07
N ASN A 254 -40.10 -13.62 -20.44
CA ASN A 254 -39.82 -13.83 -19.03
C ASN A 254 -38.92 -15.04 -18.84
N ARG A 255 -38.06 -15.29 -19.82
CA ARG A 255 -37.22 -16.50 -19.82
C ARG A 255 -36.47 -16.67 -18.50
N ASP A 256 -36.48 -17.90 -17.99
CA ASP A 256 -35.94 -18.22 -16.68
C ASP A 256 -34.60 -18.95 -16.72
N ASP A 257 -34.06 -19.18 -17.92
CA ASP A 257 -32.88 -20.04 -18.09
C ASP A 257 -32.07 -19.57 -19.28
N VAL A 258 -31.17 -20.42 -19.79
CA VAL A 258 -30.32 -20.02 -20.92
C VAL A 258 -31.11 -20.18 -22.22
N ALA A 259 -31.03 -19.15 -23.07
CA ALA A 259 -31.71 -19.18 -24.36
C ALA A 259 -31.13 -20.27 -25.25
N PRO A 260 -32.00 -21.00 -25.97
CA PRO A 260 -31.54 -22.05 -26.88
C PRO A 260 -30.43 -21.63 -27.85
N MET A 261 -30.53 -20.42 -28.41
CA MET A 261 -29.53 -19.94 -29.35
CA MET A 261 -29.53 -19.97 -29.36
C MET A 261 -28.16 -19.79 -28.68
N VAL A 262 -28.18 -19.37 -27.42
CA VAL A 262 -26.93 -19.23 -26.67
C VAL A 262 -26.33 -20.61 -26.36
N LEU A 263 -27.18 -21.58 -26.01
CA LEU A 263 -26.72 -22.96 -25.81
C LEU A 263 -26.13 -23.52 -27.10
N GLU A 264 -26.77 -23.22 -28.23
CA GLU A 264 -26.31 -23.71 -29.53
CA GLU A 264 -26.30 -23.71 -29.52
C GLU A 264 -24.93 -23.14 -29.89
N LYS A 265 -24.77 -21.83 -29.71
CA LYS A 265 -23.50 -21.18 -30.03
C LYS A 265 -22.38 -21.72 -29.16
N THR A 266 -22.63 -21.79 -27.85
CA THR A 266 -21.57 -22.22 -26.94
C THR A 266 -21.24 -23.70 -27.13
N SER A 267 -22.24 -24.51 -27.46
CA SER A 267 -22.01 -25.93 -27.71
C SER A 267 -21.10 -26.10 -28.90
N ALA A 268 -21.23 -25.20 -29.88
CA ALA A 268 -20.42 -25.24 -31.08
C ALA A 268 -19.09 -24.49 -30.92
N SER A 269 -18.79 -24.09 -29.68
CA SER A 269 -17.52 -23.43 -29.35
C SER A 269 -17.41 -22.07 -30.01
N LYS A 270 -18.55 -21.43 -30.24
CA LYS A 270 -18.60 -20.09 -30.80
C LYS A 270 -18.85 -19.08 -29.68
N PHE A 271 -17.77 -18.58 -29.08
CA PHE A 271 -17.86 -17.80 -27.85
C PHE A 271 -17.83 -16.29 -28.08
N GLY A 272 -17.58 -15.87 -29.31
CA GLY A 272 -17.52 -14.45 -29.61
C GLY A 272 -16.13 -14.03 -30.07
N ILE A 273 -15.69 -12.85 -29.64
CA ILE A 273 -14.38 -12.33 -30.05
C ILE A 273 -13.26 -13.32 -29.76
N LYS A 274 -13.30 -13.93 -28.56
CA LYS A 274 -12.22 -14.76 -28.08
C LYS A 274 -11.97 -15.98 -28.96
N SER A 275 -12.98 -16.43 -29.69
CA SER A 275 -12.81 -17.61 -30.51
CA SER A 275 -12.89 -17.63 -30.51
C SER A 275 -12.96 -17.30 -31.99
N GLY A 276 -13.24 -16.03 -32.31
CA GLY A 276 -13.36 -15.60 -33.69
C GLY A 276 -14.76 -15.69 -34.30
N GLU A 277 -15.69 -16.20 -33.52
CA GLU A 277 -17.04 -16.39 -33.98
C GLU A 277 -18.00 -16.47 -32.79
N GLY A 278 -19.05 -15.69 -32.85
CA GLY A 278 -20.13 -15.80 -31.88
C GLY A 278 -21.41 -15.44 -32.59
N MET A 279 -22.02 -14.34 -32.19
CA MET A 279 -23.15 -13.79 -32.94
C MET A 279 -22.67 -13.35 -34.31
N PHE A 280 -21.44 -12.81 -34.36
CA PHE A 280 -20.86 -12.40 -35.62
C PHE A 280 -19.52 -13.09 -35.84
N TYR A 282 -15.37 -12.72 -36.93
CA TYR A 282 -14.26 -11.80 -36.81
C TYR A 282 -12.96 -12.37 -37.34
N THR A 283 -12.21 -11.56 -38.09
CA THR A 283 -10.80 -11.86 -38.34
C THR A 283 -9.95 -11.24 -37.25
N PRO A 284 -8.70 -11.71 -37.08
CA PRO A 284 -7.80 -11.08 -36.10
C PRO A 284 -7.59 -9.59 -36.36
N GLU A 285 -7.47 -9.22 -37.63
CA GLU A 285 -7.26 -7.83 -38.02
C GLU A 285 -8.47 -6.97 -37.70
N GLN A 286 -9.66 -7.46 -38.06
CA GLN A 286 -10.91 -6.78 -37.73
C GLN A 286 -11.04 -6.60 -36.22
N THR A 287 -10.72 -7.63 -35.48
CA THR A 287 -10.81 -7.57 -34.03
C THR A 287 -9.97 -6.43 -33.47
N LYS A 288 -8.72 -6.34 -33.92
CA LYS A 288 -7.83 -5.27 -33.49
C LYS A 288 -8.39 -3.90 -33.85
N ALA A 289 -8.85 -3.76 -35.09
CA ALA A 289 -9.41 -2.50 -35.57
C ALA A 289 -10.64 -2.10 -34.78
N LEU A 290 -11.52 -3.08 -34.52
CA LEU A 290 -12.74 -2.85 -33.73
C LEU A 290 -12.43 -2.42 -32.30
N GLN A 291 -11.46 -3.08 -31.67
CA GLN A 291 -11.07 -2.73 -30.32
C GLN A 291 -10.54 -1.29 -30.24
N ALA A 292 -9.74 -0.89 -31.23
CA ALA A 292 -9.20 0.47 -31.24
C ALA A 292 -10.30 1.49 -31.45
N GLU A 293 -11.19 1.19 -32.39
CA GLU A 293 -12.24 2.14 -32.75
C GLU A 293 -13.27 2.26 -31.62
N ARG A 294 -13.57 1.17 -30.94
CA ARG A 294 -14.49 1.25 -29.82
C ARG A 294 -13.90 2.06 -28.67
N ALA A 295 -12.61 1.86 -28.37
CA ALA A 295 -11.98 2.65 -27.32
C ALA A 295 -11.96 4.14 -27.68
N ARG A 296 -11.70 4.42 -28.95
CA ARG A 296 -11.65 5.81 -29.39
C ARG A 296 -13.00 6.49 -29.30
N LYS A 297 -14.04 5.82 -29.79
CA LYS A 297 -15.40 6.34 -29.68
C LYS A 297 -15.86 6.51 -28.22
N LEU A 298 -15.57 5.52 -27.37
CA LEU A 298 -15.93 5.63 -25.96
C LEU A 298 -15.32 6.88 -25.33
N VAL A 299 -14.05 7.13 -25.61
CA VAL A 299 -13.42 8.31 -25.03
C VAL A 299 -14.08 9.60 -25.55
N ALA A 300 -14.31 9.69 -26.86
CA ALA A 300 -14.87 10.91 -27.43
C ALA A 300 -16.29 11.16 -26.94
N VAL A 301 -17.08 10.10 -26.88
CA VAL A 301 -18.47 10.21 -26.44
C VAL A 301 -18.53 10.62 -24.97
N ARG A 302 -17.67 10.04 -24.14
CA ARG A 302 -17.70 10.38 -22.73
C ARG A 302 -17.47 11.87 -22.50
N ARG A 303 -16.53 12.46 -23.22
CA ARG A 303 -16.25 13.87 -23.04
CA ARG A 303 -16.25 13.87 -23.05
C ARG A 303 -17.48 14.71 -23.36
N ILE A 304 -18.22 14.33 -24.41
CA ILE A 304 -19.45 15.04 -24.73
C ILE A 304 -20.50 14.88 -23.61
N LEU A 305 -20.64 13.67 -23.09
CA LEU A 305 -21.66 13.39 -22.09
C LEU A 305 -21.38 14.14 -20.79
N GLU A 306 -20.10 14.42 -20.57
CA GLU A 306 -19.65 15.17 -19.40
C GLU A 306 -19.81 16.68 -19.56
N GLY A 307 -20.21 17.11 -20.74
CA GLY A 307 -20.48 18.51 -21.00
C GLY A 307 -19.33 19.26 -21.65
N ARG A 308 -18.31 18.54 -22.11
CA ARG A 308 -17.12 19.19 -22.65
C ARG A 308 -17.45 19.90 -23.96
N GLU A 309 -16.87 21.08 -24.12
CA GLU A 309 -16.97 21.86 -25.35
C GLU A 309 -15.59 22.12 -25.90
N MET B 1 14.42 -13.48 -4.41
CA MET B 1 14.05 -12.80 -3.18
C MET B 1 15.14 -12.95 -2.12
N ILE B 2 15.19 -12.02 -1.20
CA ILE B 2 16.09 -12.09 -0.05
C ILE B 2 15.58 -13.12 0.94
N ARG B 3 16.41 -14.13 1.23
CA ARG B 3 16.05 -15.20 2.15
C ARG B 3 17.03 -15.28 3.31
N ASN B 4 18.29 -15.01 3.02
CA ASN B 4 19.35 -15.18 3.99
C ASN B 4 20.03 -13.86 4.28
N ILE B 5 20.10 -13.53 5.57
CA ILE B 5 20.61 -12.25 5.99
C ILE B 5 21.74 -12.43 6.99
N ALA B 6 22.78 -11.62 6.85
CA ALA B 6 23.84 -11.58 7.83
C ALA B 6 23.79 -10.24 8.53
N ILE B 7 23.99 -10.24 9.85
CA ILE B 7 24.10 -9.01 10.62
C ILE B 7 25.50 -8.97 11.20
N ILE B 8 26.22 -7.89 10.92
CA ILE B 8 27.58 -7.71 11.42
C ILE B 8 27.55 -6.64 12.51
N GLY B 9 27.69 -7.07 13.76
CA GLY B 9 27.61 -6.16 14.90
C GLY B 9 26.37 -6.43 15.72
N LEU B 10 26.59 -6.87 16.95
CA LEU B 10 25.50 -7.30 17.83
C LEU B 10 25.45 -6.54 19.13
N GLY B 11 25.63 -5.21 19.04
CA GLY B 11 25.50 -4.35 20.19
C GLY B 11 24.05 -3.98 20.43
N THR B 12 23.83 -2.72 20.78
CA THR B 12 22.50 -2.22 21.07
C THR B 12 21.46 -2.59 20.03
N MET B 13 21.82 -2.44 18.75
CA MET B 13 20.87 -2.62 17.66
C MET B 13 20.80 -4.03 17.07
N GLY B 14 21.63 -4.93 17.57
CA GLY B 14 21.77 -6.25 16.95
C GLY B 14 20.69 -7.29 17.23
N PRO B 15 20.52 -7.68 18.50
CA PRO B 15 19.62 -8.78 18.90
C PRO B 15 18.17 -8.57 18.45
N GLY B 16 17.64 -7.37 18.66
CA GLY B 16 16.26 -7.07 18.27
C GLY B 16 16.07 -7.08 16.76
N MET B 17 17.09 -6.61 16.04
CA MET B 17 17.04 -6.66 14.59
C MET B 17 17.02 -8.11 14.09
N ALA B 18 17.89 -8.94 14.66
CA ALA B 18 17.94 -10.36 14.29
C ALA B 18 16.60 -11.04 14.58
N ALA B 19 16.06 -10.79 15.77
CA ALA B 19 14.80 -11.43 16.15
C ALA B 19 13.67 -11.02 15.21
N ARG B 20 13.62 -9.73 14.88
CA ARG B 20 12.53 -9.23 14.06
C ARG B 20 12.61 -9.76 12.63
N LEU B 21 13.81 -9.86 12.09
CA LEU B 21 13.96 -10.38 10.74
C LEU B 21 13.60 -11.86 10.69
N ALA B 22 14.02 -12.61 11.70
CA ALA B 22 13.69 -14.03 11.75
C ALA B 22 12.19 -14.25 11.87
N ARG B 23 11.53 -13.39 12.62
CA ARG B 23 10.08 -13.48 12.76
C ARG B 23 9.38 -13.21 11.43
N GLY B 24 10.06 -12.51 10.53
CA GLY B 24 9.54 -12.27 9.20
C GLY B 24 9.74 -13.43 8.24
N GLY B 25 10.31 -14.53 8.73
CA GLY B 25 10.51 -15.71 7.90
C GLY B 25 11.90 -15.80 7.30
N LEU B 26 12.81 -14.92 7.72
CA LEU B 26 14.14 -14.87 7.12
C LEU B 26 15.15 -15.71 7.89
N GLN B 27 16.19 -16.17 7.20
CA GLN B 27 17.24 -16.93 7.86
C GLN B 27 18.35 -15.96 8.23
N VAL B 28 18.55 -15.75 9.53
CA VAL B 28 19.51 -14.76 10.00
C VAL B 28 20.74 -15.40 10.61
N VAL B 29 21.91 -14.92 10.20
CA VAL B 29 23.16 -15.29 10.87
C VAL B 29 23.81 -14.03 11.42
N ALA B 30 24.12 -14.06 12.70
CA ALA B 30 24.56 -12.88 13.42
C ALA B 30 25.99 -13.05 13.89
N TYR B 31 26.81 -12.05 13.58
CA TYR B 31 28.24 -12.10 13.89
C TYR B 31 28.67 -10.86 14.65
N ASP B 32 29.60 -11.03 15.57
CA ASP B 32 30.24 -9.89 16.21
C ASP B 32 31.72 -10.20 16.36
N VAL B 33 32.57 -9.16 16.32
CA VAL B 33 34.00 -9.36 16.41
C VAL B 33 34.39 -9.66 17.86
N ALA B 34 33.50 -9.34 18.79
CA ALA B 34 33.74 -9.61 20.20
C ALA B 34 32.89 -10.78 20.68
N PRO B 35 33.55 -11.91 21.00
CA PRO B 35 32.85 -13.09 21.54
C PRO B 35 31.98 -12.74 22.74
N ALA B 36 32.44 -11.79 23.55
CA ALA B 36 31.66 -11.33 24.70
C ALA B 36 30.30 -10.77 24.25
N ALA B 37 30.28 -10.10 23.11
CA ALA B 37 29.06 -9.48 22.62
C ALA B 37 28.07 -10.52 22.09
N ILE B 38 28.59 -11.61 21.54
CA ILE B 38 27.74 -12.69 21.03
C ILE B 38 26.96 -13.35 22.16
N GLU B 39 27.64 -13.66 23.26
CA GLU B 39 26.99 -14.31 24.39
CA GLU B 39 27.03 -14.29 24.41
C GLU B 39 25.93 -13.40 24.99
N ARG B 40 26.24 -12.11 25.14
CA ARG B 40 25.26 -11.14 25.61
CA ARG B 40 25.27 -11.12 25.60
C ARG B 40 24.05 -11.10 24.67
N ALA B 41 24.31 -11.13 23.37
CA ALA B 41 23.27 -11.08 22.36
C ALA B 41 22.28 -12.24 22.48
N ARG B 42 22.78 -13.40 22.90
CA ARG B 42 21.92 -14.57 23.10
C ARG B 42 20.82 -14.29 24.12
N SER B 43 21.19 -13.67 25.23
CA SER B 43 20.24 -13.34 26.29
C SER B 43 19.22 -12.30 25.83
N MET B 44 19.71 -11.27 25.14
CA MET B 44 18.86 -10.20 24.65
C MET B 44 17.87 -10.73 23.60
N LEU B 45 18.28 -11.78 22.89
CA LEU B 45 17.45 -12.36 21.84
C LEU B 45 16.15 -12.94 22.40
N SER B 46 16.26 -13.63 23.54
CA SER B 46 15.09 -14.26 24.15
C SER B 46 14.05 -13.22 24.58
N VAL B 47 14.53 -12.17 25.22
CA VAL B 47 13.70 -11.04 25.62
C VAL B 47 12.98 -10.44 24.42
N ALA B 48 13.74 -10.28 23.34
CA ALA B 48 13.19 -9.70 22.10
C ALA B 48 12.06 -10.54 21.54
N GLU B 49 12.19 -11.87 21.61
CA GLU B 49 11.17 -12.78 21.08
C GLU B 49 9.83 -12.57 21.78
N THR B 50 9.90 -12.43 23.10
CA THR B 50 8.74 -12.20 23.94
C THR B 50 8.05 -10.90 23.58
N VAL B 51 8.86 -9.88 23.33
CA VAL B 51 8.34 -8.57 22.91
C VAL B 51 7.58 -8.70 21.58
N LEU B 52 8.12 -9.48 20.65
CA LEU B 52 7.45 -9.68 19.37
C LEU B 52 6.07 -10.34 19.53
N ASP B 53 5.96 -11.29 20.46
CA ASP B 53 4.66 -11.89 20.77
C ASP B 53 3.68 -10.85 21.29
N ALA B 54 4.19 -10.00 22.20
CA ALA B 54 3.39 -8.94 22.78
C ALA B 54 2.93 -7.96 21.73
N LEU B 55 3.76 -7.74 20.70
CA LEU B 55 3.36 -6.88 19.61
C LEU B 55 2.41 -7.58 18.66
N GLY B 56 2.28 -8.91 18.83
CA GLY B 56 1.41 -9.68 17.97
C GLY B 56 1.99 -9.86 16.59
N ILE B 57 3.31 -10.02 16.53
CA ILE B 57 4.00 -10.24 15.26
C ILE B 57 4.34 -11.72 15.10
N ALA B 58 3.69 -12.36 14.15
CA ALA B 58 3.87 -13.79 13.94
C ALA B 58 4.57 -14.09 12.62
N LEU B 59 5.13 -15.30 12.52
CA LEU B 59 5.70 -15.79 11.28
C LEU B 59 4.64 -15.75 10.19
N PRO B 60 5.08 -15.48 8.95
CA PRO B 60 4.13 -15.55 7.84
C PRO B 60 3.67 -16.99 7.62
N SER B 61 2.60 -17.14 6.87
CA SER B 61 2.12 -18.45 6.48
C SER B 61 3.26 -19.20 5.80
N ALA B 62 3.42 -20.48 6.14
CA ALA B 62 4.45 -21.34 5.56
C ALA B 62 5.88 -20.84 5.79
N GLY B 63 6.04 -19.76 6.57
CA GLY B 63 7.35 -19.23 6.85
C GLY B 63 7.93 -19.91 8.07
N VAL B 64 9.25 -19.88 8.22
CA VAL B 64 9.88 -20.47 9.39
C VAL B 64 10.81 -19.47 10.10
N GLY B 65 11.98 -19.18 9.55
CA GLY B 65 12.85 -18.17 10.15
C GLY B 65 13.69 -18.66 11.32
N THR B 66 14.98 -18.37 11.25
CA THR B 66 15.97 -18.81 12.23
C THR B 66 16.97 -17.71 12.55
N VAL B 67 17.52 -17.74 13.75
CA VAL B 67 18.68 -16.94 14.10
C VAL B 67 19.80 -17.85 14.58
N ARG B 68 20.94 -17.84 13.89
CA ARG B 68 22.11 -18.56 14.40
C ARG B 68 23.26 -17.58 14.57
N PHE B 69 24.13 -17.87 15.54
CA PHE B 69 25.27 -17.01 15.83
C PHE B 69 26.57 -17.66 15.34
N THR B 70 27.56 -16.83 15.06
CA THR B 70 28.85 -17.30 14.61
C THR B 70 29.91 -16.26 14.96
N ASP B 71 31.12 -16.71 15.28
CA ASP B 71 32.22 -15.79 15.54
C ASP B 71 33.18 -15.77 14.36
N ASP B 72 32.72 -16.34 13.24
CA ASP B 72 33.43 -16.31 11.98
C ASP B 72 32.60 -15.48 11.00
N ILE B 73 33.17 -14.40 10.49
CA ILE B 73 32.41 -13.51 9.61
C ILE B 73 32.16 -14.13 8.23
N GLY B 74 33.09 -14.96 7.76
CA GLY B 74 32.89 -15.64 6.48
C GLY B 74 31.68 -16.56 6.57
N ASP B 75 31.55 -17.23 7.71
CA ASP B 75 30.40 -18.08 7.96
C ASP B 75 29.12 -17.25 7.89
N ALA B 76 29.16 -16.06 8.48
CA ALA B 76 28.01 -15.16 8.51
C ALA B 76 27.56 -14.71 7.12
N VAL B 77 28.50 -14.33 6.25
CA VAL B 77 28.14 -13.68 4.99
C VAL B 77 28.12 -14.60 3.78
N SER B 78 28.68 -15.80 3.92
CA SER B 78 28.66 -16.74 2.81
C SER B 78 27.22 -17.19 2.60
N GLY B 79 26.72 -17.02 1.40
CA GLY B 79 25.35 -17.39 1.10
C GLY B 79 24.33 -16.35 1.51
N ALA B 80 24.79 -15.22 2.05
CA ALA B 80 23.86 -14.16 2.40
C ALA B 80 23.35 -13.43 1.16
N ASP B 81 22.07 -13.10 1.15
CA ASP B 81 21.47 -12.28 0.10
C ASP B 81 21.60 -10.81 0.44
N LEU B 82 21.68 -10.55 1.74
CA LEU B 82 21.75 -9.20 2.28
C LEU B 82 22.67 -9.25 3.48
N VAL B 83 23.64 -8.35 3.51
CA VAL B 83 24.50 -8.17 4.68
C VAL B 83 24.17 -6.83 5.33
N ILE B 84 23.77 -6.84 6.60
CA ILE B 84 23.52 -5.58 7.30
C ILE B 84 24.70 -5.27 8.20
N GLU B 85 25.47 -4.25 7.82
CA GLU B 85 26.57 -3.78 8.65
C GLU B 85 26.01 -2.93 9.78
N ASN B 86 26.44 -3.23 11.01
CA ASN B 86 25.83 -2.70 12.22
C ASN B 86 26.89 -2.46 13.30
N VAL B 87 28.03 -1.92 12.87
CA VAL B 87 29.16 -1.70 13.77
C VAL B 87 29.22 -0.21 14.15
N PRO B 88 30.19 0.21 15.01
CA PRO B 88 30.18 1.60 15.47
C PRO B 88 30.12 2.67 14.37
N GLU B 89 29.63 3.85 14.76
CA GLU B 89 29.38 4.96 13.85
C GLU B 89 30.67 5.69 13.50
N ASN B 90 31.49 5.03 12.70
CA ASN B 90 32.79 5.54 12.32
C ASN B 90 33.13 4.99 10.94
N ILE B 91 33.49 5.87 10.01
CA ILE B 91 33.73 5.45 8.62
C ILE B 91 34.87 4.43 8.49
N SER B 92 35.98 4.67 9.18
CA SER B 92 37.12 3.74 9.08
C SER B 92 36.74 2.33 9.56
N ILE B 93 35.96 2.23 10.63
CA ILE B 93 35.58 0.92 11.15
C ILE B 93 34.59 0.25 10.21
N LYS B 94 33.64 1.03 9.68
CA LYS B 94 32.71 0.47 8.70
C LYS B 94 33.45 0.03 7.44
N ALA B 95 34.42 0.84 7.02
CA ALA B 95 35.22 0.49 5.85
C ALA B 95 36.00 -0.81 6.05
N ASP B 96 36.46 -1.03 7.28
CA ASP B 96 37.12 -2.30 7.63
C ASP B 96 36.19 -3.48 7.38
N VAL B 97 34.95 -3.35 7.83
CA VAL B 97 33.97 -4.40 7.62
C VAL B 97 33.76 -4.66 6.11
N TYR B 98 33.61 -3.59 5.33
CA TYR B 98 33.33 -3.75 3.90
C TYR B 98 34.50 -4.46 3.21
N ARG B 99 35.73 -4.09 3.55
CA ARG B 99 36.89 -4.74 2.95
C ARG B 99 36.96 -6.22 3.37
N THR B 100 36.62 -6.49 4.62
CA THR B 100 36.63 -7.85 5.15
C THR B 100 35.61 -8.74 4.43
N ILE B 101 34.45 -8.20 4.06
CA ILE B 101 33.43 -9.04 3.45
C ILE B 101 33.39 -9.00 1.93
N ASP B 102 34.04 -8.00 1.35
CA ASP B 102 33.91 -7.77 -0.10
C ASP B 102 34.32 -9.01 -0.92
N GLY B 103 35.40 -9.65 -0.51
CA GLY B 103 35.89 -10.80 -1.24
C GLY B 103 35.17 -12.10 -0.90
N LEU B 104 34.16 -12.00 -0.04
CA LEU B 104 33.44 -13.19 0.42
C LEU B 104 32.00 -13.22 -0.08
N ILE B 105 31.55 -12.14 -0.69
CA ILE B 105 30.16 -12.04 -1.12
C ILE B 105 30.09 -11.76 -2.60
N GLY B 106 28.94 -12.06 -3.20
CA GLY B 106 28.76 -11.85 -4.62
C GLY B 106 28.49 -10.40 -4.96
N GLN B 107 28.72 -10.07 -6.21
CA GLN B 107 28.39 -8.77 -6.79
C GLN B 107 26.93 -8.36 -6.54
N ASP B 108 26.04 -9.34 -6.46
CA ASP B 108 24.61 -9.04 -6.30
CA ASP B 108 24.60 -9.07 -6.32
C ASP B 108 24.14 -9.10 -4.86
N THR B 109 25.08 -9.30 -3.94
CA THR B 109 24.72 -9.26 -2.53
C THR B 109 24.54 -7.81 -2.13
N ILE B 110 23.39 -7.49 -1.52
CA ILE B 110 23.17 -6.14 -1.04
C ILE B 110 23.88 -5.97 0.29
N VAL B 111 24.59 -4.85 0.43
CA VAL B 111 25.20 -4.50 1.71
C VAL B 111 24.55 -3.23 2.23
N ALA B 112 23.84 -3.37 3.34
CA ALA B 112 23.14 -2.24 3.93
C ALA B 112 23.89 -1.79 5.18
N SER B 113 23.91 -0.48 5.41
CA SER B 113 24.44 0.04 6.67
C SER B 113 23.33 0.52 7.59
N ASP B 114 23.45 0.18 8.87
CA ASP B 114 22.50 0.66 9.88
C ASP B 114 22.93 2.03 10.41
N THR B 115 23.85 2.69 9.71
CA THR B 115 24.37 4.00 10.14
C THR B 115 23.29 5.01 10.50
N SER B 116 23.51 5.76 11.59
CA SER B 116 22.54 6.74 12.03
C SER B 116 22.53 8.00 11.17
N GLY B 117 23.64 8.29 10.51
CA GLY B 117 23.69 9.53 9.77
C GLY B 117 24.81 9.75 8.77
N ILE B 118 25.69 8.77 8.62
CA ILE B 118 26.84 8.93 7.71
C ILE B 118 26.38 8.74 6.29
N PRO B 119 26.60 9.77 5.45
CA PRO B 119 26.19 9.64 4.05
C PRO B 119 26.63 8.32 3.40
N ILE B 120 25.66 7.62 2.82
CA ILE B 120 25.88 6.34 2.18
C ILE B 120 26.87 6.47 1.03
N THR B 121 26.90 7.64 0.40
CA THR B 121 27.89 7.94 -0.64
C THR B 121 29.33 7.73 -0.14
N LYS B 122 29.60 8.17 1.09
CA LYS B 122 30.94 8.03 1.66
C LYS B 122 31.24 6.56 1.98
N LEU B 123 30.23 5.86 2.47
CA LEU B 123 30.40 4.46 2.81
C LEU B 123 30.64 3.60 1.57
N GLN B 124 29.91 3.86 0.48
CA GLN B 124 29.95 2.98 -0.68
C GLN B 124 31.22 3.19 -1.50
N ALA B 125 31.98 4.24 -1.16
CA ALA B 125 33.27 4.44 -1.79
C ALA B 125 34.30 3.44 -1.28
N HIS B 126 33.90 2.57 -0.36
CA HIS B 126 34.80 1.59 0.22
C HIS B 126 34.45 0.13 -0.09
N ILE B 127 33.58 -0.08 -1.08
CA ILE B 127 33.23 -1.44 -1.45
C ILE B 127 33.12 -1.52 -2.96
N SER B 128 33.43 -2.70 -3.51
CA SER B 128 33.21 -2.95 -4.93
C SER B 128 31.71 -2.89 -5.19
N TYR B 129 31.36 -2.51 -6.42
CA TYR B 129 29.96 -2.41 -6.83
C TYR B 129 29.13 -1.60 -5.84
N PRO B 130 29.43 -0.30 -5.72
CA PRO B 130 28.73 0.55 -4.73
C PRO B 130 27.22 0.62 -4.97
N GLU B 131 26.78 0.23 -6.16
CA GLU B 131 25.37 0.27 -6.51
CA GLU B 131 25.36 0.29 -6.50
C GLU B 131 24.52 -0.63 -5.60
N ARG B 132 25.16 -1.65 -5.02
CA ARG B 132 24.41 -2.56 -4.14
C ARG B 132 24.58 -2.22 -2.67
N MET B 133 25.14 -1.04 -2.38
CA MET B 133 25.21 -0.57 -1.00
C MET B 133 24.15 0.49 -0.79
N VAL B 134 23.47 0.41 0.36
CA VAL B 134 22.30 1.21 0.65
C VAL B 134 22.24 1.43 2.16
N GLY B 135 21.56 2.48 2.60
CA GLY B 135 21.32 2.65 4.02
C GLY B 135 20.03 1.94 4.39
N MET B 136 20.07 1.17 5.48
CA MET B 136 18.88 0.56 6.04
C MET B 136 18.91 0.88 7.50
N HIS B 137 18.35 2.03 7.85
CA HIS B 137 18.52 2.59 9.18
C HIS B 137 17.30 2.29 10.05
N TRP B 138 17.49 1.34 10.97
CA TRP B 138 16.49 0.98 11.97
C TRP B 138 16.53 1.96 13.12
N SER B 139 15.51 1.94 13.97
CA SER B 139 15.50 2.79 15.15
C SER B 139 15.52 1.94 16.41
N ASN B 140 15.96 2.54 17.51
CA ASN B 140 16.11 1.83 18.79
C ASN B 140 14.83 1.94 19.61
N PRO B 141 14.23 0.81 20.02
CA PRO B 141 14.61 -0.59 19.81
C PRO B 141 14.16 -1.15 18.46
N PRO B 142 15.04 -1.89 17.77
CA PRO B 142 14.77 -2.26 16.37
C PRO B 142 13.63 -3.27 16.19
N HIS B 143 13.30 -4.03 17.22
CA HIS B 143 12.17 -4.96 17.11
C HIS B 143 10.85 -4.30 17.50
N ILE B 144 10.91 -3.05 17.96
CA ILE B 144 9.70 -2.35 18.39
C ILE B 144 9.31 -1.22 17.44
N ILE B 145 10.25 -0.32 17.12
CA ILE B 145 9.96 0.77 16.19
C ILE B 145 9.75 0.19 14.78
N PRO B 146 8.58 0.42 14.18
CA PRO B 146 8.24 -0.28 12.93
C PRO B 146 8.76 0.41 11.68
N MET B 147 9.36 1.58 11.83
CA MET B 147 9.77 2.39 10.69
C MET B 147 11.27 2.24 10.45
N ILE B 148 11.64 2.03 9.18
CA ILE B 148 13.03 1.90 8.76
C ILE B 148 13.31 2.84 7.60
N GLU B 149 14.39 3.61 7.71
CA GLU B 149 14.80 4.48 6.61
C GLU B 149 15.62 3.69 5.59
N VAL B 150 15.25 3.82 4.32
CA VAL B 150 16.00 3.24 3.21
C VAL B 150 16.65 4.39 2.47
N ILE B 151 17.98 4.45 2.52
CA ILE B 151 18.70 5.64 2.06
C ILE B 151 19.59 5.37 0.85
N ALA B 152 19.35 6.13 -0.20
CA ALA B 152 20.18 6.01 -1.40
C ALA B 152 21.43 6.85 -1.31
N GLY B 153 22.59 6.23 -1.49
CA GLY B 153 23.80 6.98 -1.75
C GLY B 153 23.78 7.43 -3.21
N GLU B 154 24.72 8.28 -3.57
CA GLU B 154 24.76 8.81 -4.93
CA GLU B 154 24.81 8.81 -4.93
C GLU B 154 24.86 7.68 -5.96
N LYS B 155 25.52 6.59 -5.60
CA LYS B 155 25.74 5.48 -6.51
CA LYS B 155 25.71 5.49 -6.54
C LYS B 155 24.78 4.31 -6.30
N THR B 156 23.94 4.40 -5.28
CA THR B 156 23.02 3.30 -5.01
C THR B 156 22.03 3.15 -6.17
N ALA B 157 21.89 1.94 -6.69
CA ALA B 157 20.92 1.67 -7.75
C ALA B 157 19.48 1.82 -7.23
N PRO B 158 18.58 2.37 -8.05
CA PRO B 158 17.16 2.40 -7.73
C PRO B 158 16.65 1.00 -7.39
N GLN B 159 17.20 -0.01 -8.08
CA GLN B 159 16.81 -1.40 -7.88
C GLN B 159 17.10 -1.88 -6.45
N THR B 160 18.21 -1.39 -5.91
CA THR B 160 18.63 -1.75 -4.56
C THR B 160 17.69 -1.14 -3.53
N VAL B 161 17.36 0.14 -3.72
CA VAL B 161 16.37 0.78 -2.87
C VAL B 161 15.03 0.06 -2.92
N ALA B 162 14.58 -0.24 -4.15
CA ALA B 162 13.31 -0.93 -4.33
C ALA B 162 13.30 -2.28 -3.62
N THR B 163 14.36 -3.07 -3.79
CA THR B 163 14.45 -4.38 -3.15
C THR B 163 14.35 -4.31 -1.62
N ILE B 164 15.05 -3.36 -1.01
CA ILE B 164 15.03 -3.24 0.44
C ILE B 164 13.69 -2.68 0.92
N ARG B 165 13.15 -1.69 0.19
CA ARG B 165 11.79 -1.20 0.46
C ARG B 165 10.78 -2.36 0.46
N ASP B 166 10.86 -3.17 -0.59
CA ASP B 166 9.92 -4.28 -0.76
C ASP B 166 10.08 -5.37 0.30
N LEU B 167 11.33 -5.67 0.69
CA LEU B 167 11.58 -6.60 1.79
C LEU B 167 10.92 -6.11 3.07
N ILE B 168 11.10 -4.84 3.36
CA ILE B 168 10.55 -4.28 4.59
C ILE B 168 9.00 -4.33 4.59
N ARG B 169 8.39 -3.96 3.46
CA ARG B 169 6.95 -4.13 3.29
C ARG B 169 6.53 -5.60 3.48
N SER B 170 7.29 -6.51 2.87
CA SER B 170 6.88 -7.91 2.82
C SER B 170 6.81 -8.56 4.20
N ILE B 171 7.60 -8.05 5.15
CA ILE B 171 7.56 -8.59 6.51
C ILE B 171 6.74 -7.74 7.48
N GLY B 172 5.99 -6.77 6.95
CA GLY B 172 5.03 -6.04 7.76
C GLY B 172 5.55 -4.80 8.45
N LEU B 173 6.62 -4.22 7.90
CA LEU B 173 7.18 -3.00 8.48
C LEU B 173 7.01 -1.83 7.53
N LEU B 174 7.43 -0.65 7.99
CA LEU B 174 7.20 0.60 7.27
C LEU B 174 8.49 1.23 6.75
N PRO B 175 8.80 1.03 5.46
CA PRO B 175 9.99 1.68 4.90
C PRO B 175 9.68 3.13 4.53
N VAL B 176 10.63 4.02 4.77
CA VAL B 176 10.51 5.36 4.23
C VAL B 176 11.73 5.58 3.34
N VAL B 177 11.49 6.08 2.13
CA VAL B 177 12.59 6.23 1.19
C VAL B 177 13.22 7.61 1.30
N VAL B 178 14.49 7.62 1.69
CA VAL B 178 15.30 8.83 1.81
C VAL B 178 16.09 8.96 0.51
N LYS B 179 15.65 9.88 -0.34
CA LYS B 179 16.09 9.92 -1.73
C LYS B 179 17.42 10.63 -1.93
N LYS B 180 17.77 11.48 -0.98
CA LYS B 180 19.09 12.11 -0.94
C LYS B 180 19.72 11.82 0.41
N ASP B 181 21.00 11.49 0.36
CA ASP B 181 21.68 11.01 1.59
CA ASP B 181 21.78 11.01 1.46
C ASP B 181 22.37 12.15 2.34
N VAL B 182 21.55 13.13 2.71
CA VAL B 182 21.98 14.25 3.54
C VAL B 182 22.44 13.75 4.91
N PRO B 183 23.38 14.46 5.55
CA PRO B 183 23.86 13.99 6.85
C PRO B 183 22.72 13.90 7.86
N GLY B 184 22.62 12.78 8.58
CA GLY B 184 21.52 12.58 9.50
C GLY B 184 20.23 12.08 8.87
N PHE B 185 20.21 11.96 7.55
CA PHE B 185 19.04 11.47 6.79
C PHE B 185 17.80 12.26 7.19
N VAL B 186 16.69 11.60 7.51
CA VAL B 186 15.50 12.38 7.90
C VAL B 186 15.23 12.33 9.38
N GLU B 187 15.14 11.12 9.93
CA GLU B 187 14.79 10.99 11.34
C GLU B 187 15.75 11.77 12.25
N ASN B 188 17.04 11.57 12.08
CA ASN B 188 17.99 12.20 12.99
C ASN B 188 18.15 13.69 12.74
N ARG B 189 17.92 14.14 11.51
CA ARG B 189 17.92 15.58 11.28
C ARG B 189 16.76 16.25 12.01
N VAL B 190 15.55 15.70 11.87
CA VAL B 190 14.40 16.33 12.50
C VAL B 190 14.53 16.24 14.03
N LEU B 191 15.02 15.11 14.52
CA LEU B 191 15.28 14.95 15.95
C LEU B 191 16.30 15.96 16.47
N TYR B 192 17.42 16.11 15.75
CA TYR B 192 18.45 17.05 16.20
C TYR B 192 18.00 18.50 16.07
N ALA B 193 17.08 18.79 15.16
CA ALA B 193 16.49 20.14 15.12
C ALA B 193 15.67 20.40 16.38
N LEU B 194 14.85 19.42 16.76
CA LEU B 194 14.06 19.50 17.99
C LEU B 194 14.97 19.69 19.19
N LEU B 195 16.01 18.86 19.25
CA LEU B 195 16.95 18.87 20.37
C LEU B 195 17.71 20.19 20.44
N ARG B 196 18.11 20.73 19.28
CA ARG B 196 18.84 22.00 19.29
C ARG B 196 18.05 23.12 19.96
N GLU B 197 16.78 23.23 19.62
CA GLU B 197 15.95 24.28 20.23
C GLU B 197 15.74 23.98 21.70
N ALA B 198 15.40 22.73 22.01
CA ALA B 198 15.16 22.34 23.40
C ALA B 198 16.35 22.66 24.30
N VAL B 199 17.55 22.31 23.85
CA VAL B 199 18.75 22.53 24.64
C VAL B 199 19.00 24.03 24.85
N ASP B 200 18.83 24.82 23.80
CA ASP B 200 19.00 26.25 23.95
C ASP B 200 17.97 26.85 24.91
N LEU B 201 16.76 26.29 24.95
CA LEU B 201 15.76 26.86 25.85
C LEU B 201 16.12 26.59 27.31
N VAL B 202 16.71 25.43 27.58
CA VAL B 202 17.21 25.17 28.93
C VAL B 202 18.35 26.14 29.25
N GLU B 203 19.27 26.30 28.31
CA GLU B 203 20.38 27.26 28.45
C GLU B 203 19.90 28.66 28.79
N ARG B 204 18.88 29.11 28.09
CA ARG B 204 18.40 30.48 28.24
C ARG B 204 17.66 30.71 29.55
N GLY B 205 17.45 29.65 30.32
CA GLY B 205 16.70 29.75 31.57
C GLY B 205 15.20 29.87 31.37
N VAL B 206 14.73 29.44 30.20
CA VAL B 206 13.31 29.53 29.90
C VAL B 206 12.51 28.46 30.66
N ILE B 207 13.14 27.31 30.90
CA ILE B 207 12.44 26.17 31.45
C ILE B 207 13.47 25.19 31.99
N ASP B 208 13.15 24.47 33.07
CA ASP B 208 14.09 23.48 33.57
C ASP B 208 13.93 22.15 32.80
N PRO B 209 14.91 21.24 32.91
CA PRO B 209 14.88 20.01 32.10
C PRO B 209 13.66 19.15 32.36
N GLU B 210 13.27 19.04 33.63
CA GLU B 210 12.11 18.22 33.97
C GLU B 210 10.84 18.74 33.28
N ASP B 211 10.62 20.06 33.38
CA ASP B 211 9.45 20.65 32.76
C ASP B 211 9.54 20.61 31.23
N LEU B 212 10.75 20.78 30.68
CA LEU B 212 10.94 20.71 29.24
C LEU B 212 10.44 19.37 28.72
N ASP B 213 10.84 18.29 29.40
CA ASP B 213 10.41 16.97 28.97
C ASP B 213 8.90 16.78 29.10
N THR B 214 8.31 17.24 30.20
CA THR B 214 6.84 17.19 30.32
C THR B 214 6.17 17.92 29.15
N CYS B 215 6.66 19.12 28.89
CA CYS B 215 6.15 19.97 27.84
C CYS B 215 6.24 19.31 26.45
N VAL B 216 7.44 18.85 26.12
CA VAL B 216 7.66 18.27 24.79
C VAL B 216 7.02 16.88 24.66
N SER B 217 7.09 16.05 25.70
CA SER B 217 6.48 14.72 25.60
C SER B 217 4.97 14.82 25.34
N TRP B 218 4.28 15.67 26.09
CA TRP B 218 2.84 15.75 25.98
C TRP B 218 2.35 16.69 24.89
N GLY B 219 3.06 17.81 24.73
CA GLY B 219 2.65 18.80 23.75
C GLY B 219 3.03 18.49 22.33
N ILE B 220 4.08 17.68 22.15
CA ILE B 220 4.62 17.44 20.82
C ILE B 220 4.67 15.95 20.50
N GLY B 221 5.42 15.18 21.27
CA GLY B 221 5.59 13.76 20.97
C GLY B 221 4.27 13.01 20.92
N TYR B 222 3.49 13.18 21.97
CA TYR B 222 2.17 12.59 22.09
C TYR B 222 1.29 12.87 20.87
N LYS B 223 1.22 14.13 20.48
CA LYS B 223 0.44 14.52 19.30
C LYS B 223 1.04 14.00 18.01
N ILE B 224 2.36 14.16 17.82
CA ILE B 224 2.99 13.74 16.57
C ILE B 224 2.97 12.21 16.36
N ALA B 225 2.92 11.44 17.44
CA ALA B 225 2.79 9.98 17.32
C ALA B 225 1.51 9.63 16.57
N VAL B 226 0.48 10.45 16.77
CA VAL B 226 -0.82 10.23 16.14
C VAL B 226 -1.00 11.00 14.84
N ILE B 227 -0.45 12.22 14.80
CA ILE B 227 -0.59 13.11 13.66
C ILE B 227 0.79 13.57 13.19
N GLY B 228 1.23 13.10 12.03
CA GLY B 228 2.55 13.47 11.52
C GLY B 228 2.66 14.96 11.27
N PRO B 229 3.90 15.48 11.20
CA PRO B 229 4.05 16.94 11.09
C PRO B 229 3.37 17.58 9.87
N MET B 230 3.36 16.92 8.72
CA MET B 230 2.73 17.52 7.54
C MET B 230 1.21 17.53 7.73
N ALA B 231 0.68 16.42 8.23
CA ALA B 231 -0.73 16.35 8.60
C ALA B 231 -1.09 17.40 9.66
N LEU B 232 -0.15 17.66 10.57
CA LEU B 232 -0.37 18.65 11.62
C LEU B 232 -0.45 20.06 11.02
N LEU B 233 0.41 20.35 10.04
CA LEU B 233 0.34 21.62 9.32
C LEU B 233 -1.04 21.80 8.67
N ASP B 234 -1.57 20.74 8.07
CA ASP B 234 -2.88 20.82 7.43
C ASP B 234 -3.98 21.08 8.43
N MET B 235 -3.82 20.52 9.63
CA MET B 235 -4.78 20.72 10.71
CA MET B 235 -4.78 20.73 10.71
C MET B 235 -4.73 22.16 11.24
N ALA B 236 -3.53 22.67 11.45
CA ALA B 236 -3.34 24.02 11.96
C ALA B 236 -3.76 25.08 10.93
N GLY B 237 -3.58 24.74 9.65
CA GLY B 237 -3.77 25.71 8.59
C GLY B 237 -2.42 26.19 8.09
N LEU B 238 -2.17 26.06 6.79
CA LEU B 238 -0.92 26.51 6.20
C LEU B 238 -0.82 28.03 6.24
N ASP B 239 -1.97 28.69 6.29
CA ASP B 239 -2.01 30.13 6.45
C ASP B 239 -1.49 30.52 7.84
N ILE B 240 -1.90 29.78 8.86
CA ILE B 240 -1.39 29.99 10.22
C ILE B 240 0.11 29.71 10.27
N TYR B 241 0.52 28.61 9.64
CA TYR B 241 1.94 28.27 9.64
C TYR B 241 2.76 29.33 8.89
N LYS B 242 2.23 29.84 7.79
CA LYS B 242 2.89 30.94 7.09
C LYS B 242 3.05 32.14 8.02
N SER B 243 1.96 32.53 8.67
CA SER B 243 1.97 33.74 9.48
C SER B 243 2.93 33.63 10.64
N VAL B 244 2.90 32.50 11.34
CA VAL B 244 3.76 32.33 12.50
C VAL B 244 5.22 32.13 12.09
N SER B 245 5.47 31.25 11.14
CA SER B 245 6.86 30.98 10.73
C SER B 245 7.52 32.21 10.11
N SER B 246 6.72 33.14 9.57
CA SER B 246 7.25 34.34 8.93
C SER B 246 8.06 35.20 9.88
N PHE B 247 7.80 35.07 11.18
CA PHE B 247 8.64 35.74 12.15
C PHE B 247 9.33 34.76 13.09
N LEU B 248 8.71 33.62 13.37
CA LEU B 248 9.28 32.72 14.35
C LEU B 248 10.52 31.99 13.83
N ASN B 249 10.54 31.65 12.54
CA ASN B 249 11.72 30.95 12.01
C ASN B 249 13.01 31.74 12.25
N ALA B 250 12.92 33.06 12.09
CA ALA B 250 14.07 33.94 12.27
C ALA B 250 14.52 33.97 13.72
N ASP B 251 13.62 33.66 14.65
CA ASP B 251 13.94 33.79 16.07
C ASP B 251 14.44 32.49 16.68
N LEU B 252 14.19 31.38 16.00
CA LEU B 252 14.60 30.07 16.49
C LEU B 252 16.10 29.95 16.62
N SER B 253 16.53 29.02 17.46
CA SER B 253 17.97 28.77 17.56
C SER B 253 18.54 28.35 16.20
N ASN B 254 19.70 28.92 15.86
CA ASN B 254 20.46 28.47 14.70
CA ASN B 254 20.45 28.45 14.70
C ASN B 254 21.84 27.99 15.12
N ARG B 255 21.94 27.48 16.33
CA ARG B 255 23.23 27.09 16.89
C ARG B 255 24.02 26.22 15.92
N ASP B 256 25.30 26.56 15.69
CA ASP B 256 26.11 25.85 14.71
C ASP B 256 27.22 25.03 15.35
N ASP B 257 27.20 24.93 16.67
CA ASP B 257 28.25 24.22 17.39
C ASP B 257 27.66 23.44 18.56
N VAL B 258 28.51 22.96 19.46
CA VAL B 258 28.05 22.24 20.63
C VAL B 258 27.64 23.23 21.73
N ALA B 259 26.50 22.97 22.35
CA ALA B 259 25.99 23.85 23.38
C ALA B 259 26.88 23.79 24.61
N PRO B 260 27.14 24.95 25.24
CA PRO B 260 27.98 25.00 26.43
C PRO B 260 27.58 23.98 27.51
N MET B 261 26.28 23.77 27.70
CA MET B 261 25.80 22.81 28.70
CA MET B 261 25.82 22.81 28.71
C MET B 261 26.31 21.40 28.41
N VAL B 262 26.29 21.03 27.13
CA VAL B 262 26.72 19.70 26.70
C VAL B 262 28.23 19.57 26.86
N LEU B 263 28.95 20.63 26.50
CA LEU B 263 30.41 20.66 26.65
C LEU B 263 30.82 20.50 28.11
N GLU B 264 30.14 21.21 29.00
CA GLU B 264 30.46 21.18 30.43
C GLU B 264 30.20 19.80 31.00
N LYS B 265 29.03 19.25 30.70
CA LYS B 265 28.69 17.94 31.24
C LYS B 265 29.63 16.86 30.73
N THR B 266 29.96 16.89 29.44
CA THR B 266 30.83 15.84 28.89
C THR B 266 32.26 15.97 29.42
N SER B 267 32.68 17.19 29.75
CA SER B 267 34.01 17.41 30.31
CA SER B 267 34.02 17.40 30.31
C SER B 267 34.10 16.87 31.74
N ALA B 268 32.95 16.67 32.37
CA ALA B 268 32.92 16.17 33.75
C ALA B 268 32.45 14.72 33.83
N SER B 269 32.50 14.01 32.70
CA SER B 269 32.11 12.61 32.62
C SER B 269 30.67 12.37 33.04
N LYS B 270 29.82 13.35 32.76
CA LYS B 270 28.39 13.21 33.02
C LYS B 270 27.67 12.93 31.70
N PHE B 271 27.68 11.68 31.28
CA PHE B 271 27.23 11.32 29.95
C PHE B 271 25.76 10.89 29.89
N GLY B 272 25.13 10.72 31.04
CA GLY B 272 23.74 10.29 31.06
C GLY B 272 23.61 8.98 31.79
N ILE B 273 22.74 8.10 31.28
CA ILE B 273 22.50 6.82 31.93
C ILE B 273 23.80 6.04 32.15
N LYS B 274 24.70 6.05 31.16
CA LYS B 274 25.92 5.26 31.27
C LYS B 274 26.82 5.72 32.43
N SER B 275 26.66 6.97 32.85
CA SER B 275 27.48 7.56 33.91
C SER B 275 26.74 7.65 35.24
N GLY B 276 25.44 7.35 35.22
CA GLY B 276 24.60 7.61 36.37
C GLY B 276 24.22 9.07 36.53
N GLU B 277 24.58 9.90 35.55
CA GLU B 277 24.25 11.32 35.58
C GLU B 277 24.49 11.98 34.22
N GLY B 278 23.48 12.70 33.75
CA GLY B 278 23.63 13.58 32.61
C GLY B 278 22.75 14.79 32.87
N MET B 279 21.66 14.89 32.13
CA MET B 279 20.64 15.88 32.44
C MET B 279 19.95 15.54 33.75
N PHE B 280 19.84 14.24 34.01
CA PHE B 280 19.21 13.75 35.24
C PHE B 280 20.12 12.74 35.93
N TYR B 282 20.72 8.95 37.78
CA TYR B 282 20.24 7.56 37.72
C TYR B 282 21.04 6.61 38.60
N THR B 283 20.33 5.73 39.31
CA THR B 283 20.98 4.56 39.90
C THR B 283 20.87 3.39 38.93
N PRO B 284 21.71 2.36 39.11
CA PRO B 284 21.59 1.19 38.24
C PRO B 284 20.20 0.57 38.28
N GLU B 285 19.58 0.49 39.45
CA GLU B 285 18.24 -0.10 39.51
C GLU B 285 17.19 0.80 38.86
N GLN B 286 17.35 2.12 39.00
CA GLN B 286 16.41 3.04 38.34
C GLN B 286 16.49 2.85 36.83
N THR B 287 17.71 2.73 36.33
CA THR B 287 17.92 2.54 34.91
C THR B 287 17.26 1.25 34.40
N LYS B 288 17.40 0.15 35.14
CA LYS B 288 16.76 -1.08 34.71
CA LYS B 288 16.76 -1.09 34.75
C LYS B 288 15.24 -0.95 34.71
N ALA B 289 14.71 -0.26 35.72
CA ALA B 289 13.26 -0.10 35.82
C ALA B 289 12.75 0.81 34.72
N LEU B 290 13.51 1.86 34.41
CA LEU B 290 13.17 2.77 33.31
C LEU B 290 13.13 2.03 31.98
N GLN B 291 14.14 1.22 31.74
CA GLN B 291 14.21 0.44 30.51
C GLN B 291 13.00 -0.48 30.38
N ALA B 292 12.60 -1.13 31.47
CA ALA B 292 11.46 -2.04 31.41
C ALA B 292 10.14 -1.32 31.13
N GLU B 293 9.95 -0.19 31.80
CA GLU B 293 8.70 0.55 31.68
C GLU B 293 8.59 1.20 30.31
N ARG B 294 9.70 1.74 29.84
CA ARG B 294 9.72 2.37 28.52
C ARG B 294 9.38 1.36 27.44
N ALA B 295 9.97 0.16 27.53
CA ALA B 295 9.68 -0.89 26.56
C ALA B 295 8.22 -1.31 26.64
N ARG B 296 7.70 -1.49 27.86
CA ARG B 296 6.31 -1.88 28.01
C ARG B 296 5.36 -0.84 27.40
N LYS B 297 5.59 0.43 27.69
CA LYS B 297 4.76 1.51 27.16
C LYS B 297 4.82 1.63 25.63
N LEU B 298 6.01 1.46 25.07
CA LEU B 298 6.15 1.57 23.63
C LEU B 298 5.34 0.46 22.97
N VAL B 299 5.39 -0.76 23.51
CA VAL B 299 4.61 -1.86 22.93
C VAL B 299 3.12 -1.53 22.98
N ALA B 300 2.64 -1.03 24.11
CA ALA B 300 1.21 -0.77 24.26
C ALA B 300 0.74 0.38 23.36
N VAL B 301 1.55 1.43 23.28
CA VAL B 301 1.23 2.55 22.43
C VAL B 301 1.23 2.14 20.95
N ARG B 302 2.18 1.30 20.55
CA ARG B 302 2.21 0.86 19.15
C ARG B 302 0.91 0.17 18.76
N ARG B 303 0.38 -0.65 19.65
CA ARG B 303 -0.88 -1.37 19.36
CA ARG B 303 -0.87 -1.36 19.36
C ARG B 303 -2.01 -0.39 19.09
N ILE B 304 -2.06 0.70 19.85
CA ILE B 304 -3.10 1.69 19.66
CA ILE B 304 -3.11 1.67 19.64
C ILE B 304 -2.93 2.38 18.31
N LEU B 305 -1.70 2.79 18.03
CA LEU B 305 -1.44 3.54 16.81
C LEU B 305 -1.70 2.71 15.57
N GLU B 306 -1.63 1.39 15.71
CA GLU B 306 -1.91 0.49 14.60
C GLU B 306 -3.39 0.14 14.45
N GLY B 307 -4.21 0.73 15.31
CA GLY B 307 -5.65 0.53 15.23
C GLY B 307 -6.08 -0.86 15.70
N ARG B 308 -5.27 -1.48 16.54
CA ARG B 308 -5.70 -2.71 17.18
C ARG B 308 -6.87 -2.40 18.09
N GLU B 309 -7.93 -3.17 17.92
CA GLU B 309 -9.13 -3.06 18.75
C GLU B 309 -9.68 -4.46 18.98
#